data_1Y53
#
_entry.id   1Y53
#
_cell.length_a   78.040
_cell.length_b   78.040
_cell.length_c   110.979
_cell.angle_alpha   90.00
_cell.angle_beta   90.00
_cell.angle_gamma   90.00
#
_symmetry.space_group_name_H-M   'P 41 21 2'
#
loop_
_entity.id
_entity.type
_entity.pdbx_description
1 polymer 'Avidin-related protein 4/5'
2 non-polymer 'FORMIC ACID'
3 water water
#
_entity_poly.entity_id   1
_entity_poly.type   'polypeptide(L)'
_entity_poly.pdbx_seq_one_letter_code
;ARKCSLTGKWTNNLGSIMTIRAVNSRGEFTGTYLTAVADNPGNITLSPLLGIQHKRASQPTFGFTVHWNFSESTTVFTGQ
CFIDRNGKEVLKTMWLLRSSVNDISYDWKATRVGYNNFTRLSTVEE
;
_entity_poly.pdbx_strand_id   X,Y
#
loop_
_chem_comp.id
_chem_comp.type
_chem_comp.name
_chem_comp.formula
FMT non-polymer 'FORMIC ACID' 'C H2 O2'
#
# COMPACT_ATOMS: atom_id res chain seq x y z
N LYS A 3 -12.34 -5.56 19.44
CA LYS A 3 -11.53 -4.76 18.48
C LYS A 3 -10.50 -5.61 17.71
N CYS A 4 -10.25 -5.23 16.45
CA CYS A 4 -9.32 -5.89 15.54
C CYS A 4 -7.97 -5.17 15.50
N SER A 5 -6.91 -5.79 16.02
CA SER A 5 -5.53 -5.31 15.85
C SER A 5 -4.81 -6.26 14.93
N LEU A 6 -4.05 -5.74 13.97
CA LEU A 6 -3.34 -6.60 13.02
C LEU A 6 -2.13 -7.30 13.64
N THR A 7 -1.67 -6.85 14.80
CA THR A 7 -0.58 -7.53 15.52
C THR A 7 -0.83 -9.03 15.65
N GLY A 8 0.19 -9.82 15.32
CA GLY A 8 0.11 -11.27 15.38
C GLY A 8 0.50 -11.93 14.07
N LYS A 9 0.31 -13.24 14.00
CA LYS A 9 0.65 -14.02 12.82
C LYS A 9 -0.61 -14.41 12.09
N TRP A 10 -0.55 -14.34 10.76
CA TRP A 10 -1.67 -14.62 9.88
C TRP A 10 -1.23 -15.49 8.72
N THR A 11 -2.12 -16.32 8.21
CA THR A 11 -1.88 -17.02 6.96
C THR A 11 -3.00 -16.72 5.99
N ASN A 12 -2.73 -16.82 4.70
CA ASN A 12 -3.77 -16.57 3.71
C ASN A 12 -4.12 -17.83 2.95
N ASN A 13 -5.08 -17.68 2.06
CA ASN A 13 -5.67 -18.79 1.34
C ASN A 13 -4.70 -19.51 0.40
N LEU A 14 -3.57 -18.86 0.08
CA LEU A 14 -2.51 -19.50 -0.72
C LEU A 14 -1.37 -20.06 0.12
N GLY A 15 -1.47 -19.95 1.43
CA GLY A 15 -0.47 -20.47 2.35
C GLY A 15 0.61 -19.49 2.77
N SER A 16 0.57 -18.25 2.29
CA SER A 16 1.55 -17.25 2.72
C SER A 16 1.36 -16.94 4.19
N ILE A 17 2.43 -16.53 4.85
CA ILE A 17 2.37 -16.19 6.27
C ILE A 17 2.93 -14.80 6.49
N MET A 18 2.26 -14.02 7.32
CA MET A 18 2.87 -12.76 7.73
C MET A 18 2.78 -12.58 9.23
N THR A 19 3.74 -11.83 9.75
CA THR A 19 3.85 -11.53 11.16
C THR A 19 3.89 -10.03 11.31
N ILE A 20 2.94 -9.50 12.07
CA ILE A 20 2.83 -8.06 12.27
C ILE A 20 3.13 -7.76 13.72
N ARG A 21 3.96 -6.74 13.94
CA ARG A 21 4.39 -6.35 15.27
C ARG A 21 3.37 -5.37 15.88
N ALA A 22 3.75 -4.69 16.95
CA ALA A 22 2.85 -3.79 17.66
C ALA A 22 2.31 -2.69 16.75
N VAL A 23 1.03 -2.43 16.87
CA VAL A 23 0.40 -1.31 16.17
C VAL A 23 0.49 -0.10 17.09
N ASN A 24 1.07 1.00 16.61
CA ASN A 24 1.28 2.17 17.46
C ASN A 24 0.00 3.03 17.53
N SER A 25 0.06 4.15 18.25
CA SER A 25 -1.14 4.94 18.47
C SER A 25 -1.64 5.64 17.20
N ARG A 26 -0.76 5.78 16.20
CA ARG A 26 -1.13 6.27 14.86
C ARG A 26 -1.74 5.19 13.97
N GLY A 27 -1.67 3.93 14.39
CA GLY A 27 -2.11 2.81 13.57
C GLY A 27 -1.02 2.23 12.70
N GLU A 28 0.21 2.70 12.82
CA GLU A 28 1.31 2.19 12.02
C GLU A 28 1.82 0.86 12.55
N PHE A 29 2.25 0.00 11.63
CA PHE A 29 2.82 -1.28 11.98
C PHE A 29 3.87 -1.72 10.99
N THR A 30 4.81 -2.52 11.48
CA THR A 30 5.77 -3.19 10.64
C THR A 30 5.64 -4.68 10.83
N GLY A 31 6.32 -5.44 9.99
CA GLY A 31 6.27 -6.88 10.08
C GLY A 31 7.07 -7.54 8.98
N THR A 32 6.85 -8.84 8.83
CA THR A 32 7.46 -9.62 7.78
C THR A 32 6.42 -10.45 7.05
N TYR A 33 6.75 -10.82 5.83
CA TYR A 33 5.86 -11.52 4.94
C TYR A 33 6.66 -12.61 4.23
N LEU A 34 6.21 -13.85 4.36
CA LEU A 34 6.80 -14.99 3.66
C LEU A 34 5.76 -15.45 2.65
N THR A 35 5.98 -15.10 1.39
CA THR A 35 5.03 -15.44 0.35
C THR A 35 5.18 -16.89 -0.09
N ALA A 36 4.04 -17.53 -0.35
CA ALA A 36 4.02 -18.88 -0.88
C ALA A 36 4.24 -18.91 -2.36
N VAL A 37 4.04 -17.78 -3.03
CA VAL A 37 4.13 -17.75 -4.49
C VAL A 37 4.87 -16.49 -4.96
N ALA A 38 5.52 -16.62 -6.11
CA ALA A 38 6.31 -15.51 -6.66
C ALA A 38 6.62 -15.78 -8.11
N ASP A 39 7.06 -14.75 -8.82
CA ASP A 39 7.53 -14.87 -10.20
C ASP A 39 8.62 -15.94 -10.31
N ASN A 40 9.56 -15.91 -9.36
CA ASN A 40 10.64 -16.88 -9.30
C ASN A 40 10.71 -17.45 -7.89
N PRO A 41 9.93 -18.49 -7.62
CA PRO A 41 9.78 -18.97 -6.23
C PRO A 41 11.07 -19.51 -5.61
N GLY A 42 12.04 -19.93 -6.43
CA GLY A 42 13.32 -20.40 -5.93
C GLY A 42 14.10 -19.30 -5.25
N ASN A 43 13.73 -18.04 -5.54
CA ASN A 43 14.37 -16.88 -4.94
C ASN A 43 13.68 -16.35 -3.68
N ILE A 44 12.52 -16.89 -3.29
CA ILE A 44 11.76 -16.28 -2.20
C ILE A 44 12.56 -16.21 -0.92
N THR A 45 12.57 -15.01 -0.32
CA THR A 45 13.08 -14.80 1.01
C THR A 45 12.08 -13.96 1.81
N LEU A 46 12.16 -14.07 3.13
CA LEU A 46 11.36 -13.27 4.03
C LEU A 46 11.53 -11.79 3.72
N SER A 47 10.42 -11.07 3.64
CA SER A 47 10.45 -9.67 3.20
C SER A 47 9.71 -8.76 4.16
N PRO A 48 10.16 -7.51 4.31
CA PRO A 48 9.53 -6.58 5.24
C PRO A 48 8.25 -5.96 4.70
N LEU A 49 7.36 -5.63 5.63
CA LEU A 49 6.15 -4.87 5.33
C LEU A 49 6.01 -3.69 6.27
N LEU A 50 5.29 -2.67 5.81
CA LEU A 50 5.03 -1.46 6.58
C LEU A 50 3.67 -0.94 6.20
N GLY A 51 2.82 -0.64 7.18
CA GLY A 51 1.46 -0.22 6.88
C GLY A 51 0.81 0.61 7.96
N ILE A 52 -0.44 0.96 7.71
CA ILE A 52 -1.25 1.70 8.66
C ILE A 52 -2.66 1.12 8.69
N GLN A 53 -3.19 0.94 9.90
CA GLN A 53 -4.59 0.61 10.10
C GLN A 53 -5.27 1.75 10.82
N HIS A 54 -6.59 1.79 10.70
CA HIS A 54 -7.39 2.67 11.53
C HIS A 54 -7.44 2.12 12.95
N LYS A 55 -7.59 3.03 13.91
CA LYS A 55 -7.40 2.76 15.33
C LYS A 55 -8.71 2.67 16.11
N ARG A 56 -9.63 3.61 15.86
CA ARG A 56 -10.86 3.70 16.66
C ARG A 56 -11.83 2.59 16.30
N ALA A 57 -11.94 2.28 15.01
CA ALA A 57 -12.91 1.31 14.51
C ALA A 57 -12.67 -0.09 15.04
N SER A 58 -13.75 -0.77 15.41
CA SER A 58 -13.64 -2.17 15.80
C SER A 58 -13.29 -3.08 14.62
N GLN A 59 -13.70 -2.70 13.41
CA GLN A 59 -13.42 -3.47 12.20
C GLN A 59 -12.69 -2.54 11.23
N PRO A 60 -11.42 -2.26 11.52
CA PRO A 60 -10.68 -1.22 10.78
C PRO A 60 -10.32 -1.61 9.36
N THR A 61 -10.28 -0.60 8.49
CA THR A 61 -9.60 -0.76 7.20
C THR A 61 -8.09 -0.51 7.44
N PHE A 62 -7.28 -0.96 6.50
CA PHE A 62 -5.83 -0.87 6.61
C PHE A 62 -5.20 -1.01 5.23
N GLY A 63 -3.92 -0.68 5.17
CA GLY A 63 -3.10 -0.95 4.00
C GLY A 63 -1.70 -1.27 4.45
N PHE A 64 -0.94 -1.99 3.61
CA PHE A 64 0.47 -2.16 3.83
C PHE A 64 1.20 -2.41 2.52
N THR A 65 2.51 -2.13 2.54
CA THR A 65 3.42 -2.34 1.44
C THR A 65 4.39 -3.44 1.82
N VAL A 66 4.62 -4.37 0.89
CA VAL A 66 5.66 -5.38 1.02
C VAL A 66 6.75 -5.05 0.02
N HIS A 67 7.96 -4.79 0.54
CA HIS A 67 9.15 -4.64 -0.29
C HIS A 67 9.79 -6.03 -0.44
N TRP A 68 9.61 -6.66 -1.59
CA TRP A 68 10.18 -7.99 -1.79
C TRP A 68 11.71 -7.88 -1.76
N ASN A 69 12.36 -8.71 -0.94
CA ASN A 69 13.81 -8.62 -0.76
C ASN A 69 14.56 -9.43 -1.81
N PHE A 70 13.84 -10.07 -2.73
CA PHE A 70 14.43 -10.96 -3.72
C PHE A 70 14.06 -10.59 -5.15
N SER A 71 13.38 -9.45 -5.34
CA SER A 71 13.08 -8.96 -6.67
C SER A 71 13.00 -7.45 -6.63
N GLU A 72 12.76 -6.85 -7.78
CA GLU A 72 12.59 -5.40 -7.89
C GLU A 72 11.13 -4.98 -7.76
N SER A 73 10.23 -5.92 -7.47
CA SER A 73 8.80 -5.64 -7.38
C SER A 73 8.37 -5.17 -6.01
N THR A 74 7.17 -4.61 -5.94
CA THR A 74 6.55 -4.17 -4.70
C THR A 74 5.09 -4.58 -4.74
N THR A 75 4.53 -5.01 -3.62
CA THR A 75 3.09 -5.28 -3.54
C THR A 75 2.48 -4.42 -2.47
N VAL A 76 1.28 -3.91 -2.74
CA VAL A 76 0.46 -3.29 -1.71
C VAL A 76 -0.82 -4.08 -1.52
N PHE A 77 -1.24 -4.17 -0.27
CA PHE A 77 -2.49 -4.81 0.14
C PHE A 77 -3.36 -3.77 0.85
N THR A 78 -4.65 -3.81 0.61
CA THR A 78 -5.60 -3.05 1.42
C THR A 78 -6.84 -3.88 1.68
N GLY A 79 -7.47 -3.65 2.81
CA GLY A 79 -8.62 -4.43 3.18
C GLY A 79 -9.19 -4.02 4.51
N GLN A 80 -9.95 -4.92 5.09
CA GLN A 80 -10.65 -4.68 6.34
C GLN A 80 -10.59 -5.92 7.21
N CYS A 81 -10.46 -5.72 8.52
CA CYS A 81 -10.53 -6.79 9.50
C CYS A 81 -11.96 -6.90 10.01
N PHE A 82 -12.57 -8.05 9.82
CA PHE A 82 -13.91 -8.33 10.31
C PHE A 82 -13.87 -9.27 11.50
N ILE A 83 -14.80 -9.05 12.43
CA ILE A 83 -15.03 -9.93 13.58
C ILE A 83 -16.42 -10.56 13.47
N ASP A 84 -16.44 -11.89 13.40
CA ASP A 84 -17.62 -12.78 13.48
C ASP A 84 -18.47 -12.59 14.70
N ARG A 85 -19.68 -13.15 14.66
CA ARG A 85 -20.51 -13.31 15.86
C ARG A 85 -19.86 -14.22 16.92
N ASN A 86 -18.92 -15.06 16.52
CA ASN A 86 -18.15 -15.90 17.43
C ASN A 86 -16.77 -15.33 17.80
N GLY A 87 -16.47 -14.11 17.35
CA GLY A 87 -15.23 -13.46 17.67
C GLY A 87 -14.06 -13.84 16.77
N LYS A 88 -14.32 -14.61 15.71
CA LYS A 88 -13.25 -14.95 14.78
C LYS A 88 -12.94 -13.79 13.83
N GLU A 89 -11.65 -13.56 13.58
CA GLU A 89 -11.19 -12.46 12.75
C GLU A 89 -10.77 -12.94 11.37
N VAL A 90 -11.17 -12.19 10.35
CA VAL A 90 -10.74 -12.43 8.99
C VAL A 90 -10.29 -11.11 8.39
N LEU A 91 -9.15 -11.12 7.71
CA LEU A 91 -8.76 -9.99 6.86
C LEU A 91 -9.16 -10.29 5.43
N LYS A 92 -10.02 -9.44 4.88
CA LYS A 92 -10.37 -9.49 3.46
C LYS A 92 -9.52 -8.44 2.77
N THR A 93 -8.70 -8.84 1.80
CA THR A 93 -7.80 -7.92 1.12
C THR A 93 -7.84 -8.05 -0.39
N MET A 94 -7.46 -6.97 -1.02
CA MET A 94 -7.07 -6.97 -2.42
C MET A 94 -5.68 -6.36 -2.52
N TRP A 95 -4.97 -6.70 -3.59
CA TRP A 95 -3.58 -6.29 -3.75
C TRP A 95 -3.28 -5.86 -5.17
N LEU A 96 -2.23 -5.04 -5.27
CA LEU A 96 -1.59 -4.69 -6.53
C LEU A 96 -0.12 -5.07 -6.43
N LEU A 97 0.38 -5.79 -7.41
CA LEU A 97 1.76 -6.22 -7.51
C LEU A 97 2.39 -5.46 -8.67
N ARG A 98 3.33 -4.58 -8.34
CA ARG A 98 4.04 -3.75 -9.31
C ARG A 98 5.39 -4.36 -9.65
N SER A 99 5.57 -4.66 -10.93
CA SER A 99 6.86 -5.08 -11.46
C SER A 99 7.65 -3.88 -11.95
N SER A 100 8.97 -4.04 -11.95
CA SER A 100 9.88 -3.08 -12.54
C SER A 100 9.97 -3.30 -14.04
N VAL A 101 9.72 -2.26 -14.81
CA VAL A 101 9.95 -2.31 -16.25
C VAL A 101 11.04 -1.32 -16.66
N ASN A 102 11.55 -1.49 -17.87
CA ASN A 102 12.77 -0.80 -18.33
C ASN A 102 12.57 0.70 -18.52
N ASP A 103 11.40 1.07 -19.02
CA ASP A 103 11.08 2.47 -19.26
C ASP A 103 9.56 2.63 -19.37
N ILE A 104 9.11 3.87 -19.50
CA ILE A 104 7.69 4.18 -19.42
C ILE A 104 6.84 3.54 -20.52
N SER A 105 7.45 3.19 -21.64
CA SER A 105 6.72 2.53 -22.73
C SER A 105 6.19 1.14 -22.36
N TYR A 106 6.78 0.53 -21.33
CA TYR A 106 6.33 -0.76 -20.81
C TYR A 106 5.43 -0.66 -19.57
N ASP A 107 5.14 0.55 -19.14
CA ASP A 107 4.39 0.75 -17.88
C ASP A 107 3.03 0.06 -17.89
N TRP A 108 2.38 0.03 -19.06
CA TRP A 108 1.04 -0.54 -19.18
C TRP A 108 0.93 -1.95 -18.62
N LYS A 109 2.01 -2.73 -18.71
CA LYS A 109 1.97 -4.14 -18.36
C LYS A 109 2.51 -4.45 -16.96
N ALA A 110 2.79 -3.42 -16.17
CA ALA A 110 3.56 -3.59 -14.94
C ALA A 110 2.76 -3.89 -13.67
N THR A 111 1.42 -3.92 -13.73
CA THR A 111 0.60 -4.04 -12.52
C THR A 111 -0.37 -5.20 -12.58
N ARG A 112 -0.19 -6.16 -11.67
CA ARG A 112 -1.12 -7.25 -11.48
C ARG A 112 -2.03 -6.97 -10.29
N VAL A 113 -3.22 -7.55 -10.30
CA VAL A 113 -4.21 -7.36 -9.25
C VAL A 113 -4.70 -8.73 -8.78
N GLY A 114 -5.10 -8.80 -7.53
CA GLY A 114 -5.61 -10.03 -6.95
C GLY A 114 -6.24 -9.81 -5.60
N TYR A 115 -6.56 -10.91 -4.94
CA TYR A 115 -7.21 -10.90 -3.63
C TYR A 115 -6.56 -11.91 -2.72
N ASN A 116 -6.77 -11.76 -1.42
CA ASN A 116 -6.37 -12.77 -0.44
C ASN A 116 -7.22 -12.61 0.80
N ASN A 117 -7.59 -13.73 1.41
CA ASN A 117 -8.19 -13.75 2.74
C ASN A 117 -7.20 -14.29 3.74
N PHE A 118 -7.09 -13.63 4.89
CA PHE A 118 -6.18 -14.06 5.95
C PHE A 118 -6.96 -14.41 7.22
N THR A 119 -6.49 -15.43 7.92
CA THR A 119 -6.94 -15.76 9.27
C THR A 119 -5.74 -15.96 10.18
N ARG A 120 -5.96 -15.89 11.49
N ARG A 120 -5.96 -15.91 11.48
CA ARG A 120 -4.87 -15.99 12.45
C ARG A 120 -4.25 -17.37 12.46
N LEU A 121 -2.94 -17.42 12.67
CA LEU A 121 -2.26 -18.70 12.71
C LEU A 121 -2.79 -19.56 13.86
N SER A 122 -2.84 -18.97 15.05
CA SER A 122 -3.30 -19.67 16.25
C SER A 122 -4.50 -18.96 16.86
N LYS B 3 19.16 8.69 -11.44
CA LYS B 3 18.37 8.06 -10.36
C LYS B 3 17.11 8.88 -10.06
N CYS B 4 15.96 8.19 -10.03
CA CYS B 4 14.65 8.80 -9.82
C CYS B 4 14.37 8.82 -8.33
N SER B 5 14.19 10.00 -7.75
CA SER B 5 13.96 10.16 -6.32
C SER B 5 12.49 10.47 -5.99
N LEU B 6 12.00 9.88 -4.90
CA LEU B 6 10.62 10.11 -4.41
C LEU B 6 10.51 11.30 -3.45
N THR B 7 11.60 11.63 -2.77
CA THR B 7 11.58 12.72 -1.81
C THR B 7 11.20 14.00 -2.54
N GLY B 8 10.29 14.77 -1.96
CA GLY B 8 9.88 16.04 -2.52
C GLY B 8 8.38 16.24 -2.56
N LYS B 9 7.96 17.23 -3.33
CA LYS B 9 6.56 17.62 -3.43
C LYS B 9 6.07 17.25 -4.81
N TRP B 10 4.88 16.66 -4.84
CA TRP B 10 4.31 16.08 -6.06
C TRP B 10 2.87 16.52 -6.24
N THR B 11 2.43 16.59 -7.49
CA THR B 11 1.04 16.76 -7.80
C THR B 11 0.63 15.69 -8.81
N ASN B 12 -0.63 15.29 -8.77
CA ASN B 12 -1.08 14.32 -9.76
C ASN B 12 -2.06 14.93 -10.73
N ASN B 13 -2.51 14.11 -11.67
CA ASN B 13 -3.35 14.57 -12.76
C ASN B 13 -4.74 15.05 -12.32
N LEU B 14 -5.15 14.69 -11.10
CA LEU B 14 -6.39 15.19 -10.50
C LEU B 14 -6.20 16.42 -9.60
N GLY B 15 -4.96 16.88 -9.44
CA GLY B 15 -4.67 18.06 -8.64
C GLY B 15 -4.38 17.79 -7.16
N SER B 16 -4.30 16.53 -6.77
CA SER B 16 -3.91 16.18 -5.40
C SER B 16 -2.45 16.47 -5.25
N ILE B 17 -2.00 16.74 -4.03
CA ILE B 17 -0.58 16.97 -3.79
C ILE B 17 -0.11 16.10 -2.63
N MET B 18 1.15 15.73 -2.67
CA MET B 18 1.76 15.04 -1.56
C MET B 18 3.20 15.46 -1.39
N THR B 19 3.65 15.40 -0.15
CA THR B 19 5.04 15.60 0.18
C THR B 19 5.55 14.29 0.75
N ILE B 20 6.71 13.86 0.25
CA ILE B 20 7.40 12.69 0.76
C ILE B 20 8.71 13.17 1.40
N ARG B 21 8.97 12.71 2.62
CA ARG B 21 10.16 13.10 3.38
C ARG B 21 11.35 12.21 3.01
N ALA B 22 12.40 12.24 3.82
CA ALA B 22 13.63 11.53 3.51
C ALA B 22 13.41 10.03 3.45
N VAL B 23 14.01 9.38 2.46
CA VAL B 23 13.92 7.94 2.33
C VAL B 23 15.11 7.35 3.08
N ASN B 24 14.86 6.45 4.03
CA ASN B 24 15.95 5.87 4.81
C ASN B 24 16.65 4.74 4.07
N SER B 25 17.65 4.13 4.71
CA SER B 25 18.49 3.11 4.06
C SER B 25 17.72 1.86 3.65
N ARG B 26 16.60 1.61 4.32
CA ARG B 26 15.71 0.49 4.01
C ARG B 26 14.66 0.86 2.95
N GLY B 27 14.69 2.10 2.48
CA GLY B 27 13.73 2.56 1.49
C GLY B 27 12.41 3.04 2.08
N GLU B 28 12.32 3.17 3.40
CA GLU B 28 11.08 3.57 4.06
C GLU B 28 10.92 5.08 4.05
N PHE B 29 9.69 5.55 3.88
CA PHE B 29 9.41 6.97 3.86
C PHE B 29 8.05 7.28 4.43
N THR B 30 7.94 8.49 4.97
CA THR B 30 6.67 9.06 5.43
C THR B 30 6.35 10.29 4.60
N GLY B 31 5.16 10.82 4.80
CA GLY B 31 4.75 11.99 4.06
C GLY B 31 3.34 12.39 4.42
N THR B 32 2.84 13.37 3.68
CA THR B 32 1.53 13.94 3.89
C THR B 32 0.84 14.10 2.54
N TYR B 33 -0.44 13.70 2.48
CA TYR B 33 -1.22 13.68 1.26
C TYR B 33 -2.40 14.63 1.43
N LEU B 34 -2.59 15.53 0.47
CA LEU B 34 -3.78 16.37 0.38
C LEU B 34 -4.53 16.00 -0.89
N THR B 35 -5.59 15.24 -0.74
CA THR B 35 -6.37 14.84 -1.90
C THR B 35 -7.24 15.99 -2.37
N ALA B 36 -7.38 16.10 -3.68
CA ALA B 36 -8.30 17.04 -4.32
C ALA B 36 -9.70 16.46 -4.47
N VAL B 37 -9.83 15.15 -4.25
CA VAL B 37 -11.08 14.43 -4.47
C VAL B 37 -11.41 13.51 -3.30
N ALA B 38 -12.68 13.39 -2.97
CA ALA B 38 -13.13 12.49 -1.91
C ALA B 38 -14.61 12.21 -2.05
N ASP B 39 -15.07 11.19 -1.34
CA ASP B 39 -16.49 10.91 -1.22
C ASP B 39 -17.24 12.12 -0.66
N ASN B 40 -16.61 12.79 0.30
CA ASN B 40 -17.17 13.99 0.90
C ASN B 40 -16.10 15.07 0.94
N PRO B 41 -15.94 15.82 -0.17
CA PRO B 41 -14.81 16.74 -0.31
C PRO B 41 -14.76 17.87 0.72
N GLY B 42 -15.90 18.30 1.24
CA GLY B 42 -15.94 19.28 2.30
C GLY B 42 -15.22 18.83 3.57
N ASN B 43 -15.06 17.52 3.74
CA ASN B 43 -14.39 16.94 4.90
C ASN B 43 -12.88 16.76 4.77
N ILE B 44 -12.31 17.04 3.60
CA ILE B 44 -10.91 16.69 3.36
C ILE B 44 -9.96 17.40 4.34
N THR B 45 -9.10 16.61 4.98
CA THR B 45 -7.99 17.11 5.79
C THR B 45 -6.71 16.39 5.38
N LEU B 46 -5.58 16.93 5.79
CA LEU B 46 -4.29 16.33 5.49
C LEU B 46 -4.22 14.94 6.10
N SER B 47 -3.61 14.01 5.38
CA SER B 47 -3.58 12.62 5.81
C SER B 47 -2.17 12.05 5.65
N PRO B 48 -1.72 11.26 6.62
CA PRO B 48 -0.36 10.71 6.57
C PRO B 48 -0.24 9.55 5.58
N LEU B 49 0.97 9.41 5.03
CA LEU B 49 1.32 8.28 4.20
C LEU B 49 2.58 7.62 4.74
N LEU B 50 2.73 6.33 4.48
CA LEU B 50 3.86 5.54 4.94
C LEU B 50 4.11 4.45 3.89
N GLY B 51 5.34 4.33 3.42
CA GLY B 51 5.63 3.39 2.36
C GLY B 51 7.08 2.94 2.30
N ILE B 52 7.35 2.14 1.29
CA ILE B 52 8.69 1.62 1.02
C ILE B 52 8.98 1.67 -0.46
N GLN B 53 10.16 2.13 -0.83
CA GLN B 53 10.68 2.03 -2.18
C GLN B 53 11.90 1.11 -2.21
N HIS B 54 12.23 0.64 -3.41
CA HIS B 54 13.51 0.00 -3.62
C HIS B 54 14.64 1.04 -3.70
N LYS B 55 15.81 0.67 -3.19
CA LYS B 55 16.91 1.60 -2.97
C LYS B 55 17.95 1.62 -4.08
N ARG B 56 18.32 0.46 -4.59
CA ARG B 56 19.40 0.37 -5.57
C ARG B 56 18.98 0.83 -6.96
N ALA B 57 17.77 0.46 -7.35
CA ALA B 57 17.26 0.72 -8.69
C ALA B 57 17.27 2.22 -9.05
N SER B 58 17.69 2.54 -10.26
CA SER B 58 17.62 3.90 -10.77
C SER B 58 16.16 4.38 -10.94
N GLN B 59 15.26 3.45 -11.29
CA GLN B 59 13.85 3.75 -11.51
C GLN B 59 13.06 2.80 -10.61
N PRO B 60 13.04 3.11 -9.31
CA PRO B 60 12.50 2.16 -8.33
C PRO B 60 10.99 1.97 -8.39
N THR B 61 10.55 0.76 -8.08
CA THR B 61 9.16 0.54 -7.73
C THR B 61 8.98 0.90 -6.24
N PHE B 62 7.75 1.14 -5.85
CA PHE B 62 7.43 1.57 -4.50
C PHE B 62 5.97 1.32 -4.20
N GLY B 63 5.62 1.40 -2.93
CA GLY B 63 4.26 1.39 -2.49
C GLY B 63 4.10 2.28 -1.29
N PHE B 64 2.89 2.78 -1.08
CA PHE B 64 2.59 3.49 0.17
C PHE B 64 1.11 3.39 0.50
N THR B 65 0.82 3.57 1.77
CA THR B 65 -0.52 3.58 2.33
C THR B 65 -0.85 5.00 2.78
N VAL B 66 -2.05 5.47 2.47
CA VAL B 66 -2.60 6.71 2.99
C VAL B 66 -3.73 6.37 3.94
N HIS B 67 -3.56 6.73 5.21
CA HIS B 67 -4.62 6.62 6.21
C HIS B 67 -5.42 7.93 6.16
N TRP B 68 -6.59 7.91 5.56
CA TRP B 68 -7.39 9.12 5.47
C TRP B 68 -7.81 9.56 6.87
N ASN B 69 -7.54 10.83 7.19
CA ASN B 69 -7.78 11.34 8.54
C ASN B 69 -9.20 11.87 8.71
N PHE B 70 -10.02 11.76 7.66
CA PHE B 70 -11.36 12.32 7.65
C PHE B 70 -12.42 11.29 7.27
N SER B 71 -12.03 10.03 7.14
CA SER B 71 -12.98 8.95 6.85
C SER B 71 -12.42 7.66 7.41
N GLU B 72 -13.17 6.58 7.27
CA GLU B 72 -12.74 5.26 7.71
C GLU B 72 -12.03 4.49 6.61
N SER B 73 -11.77 5.13 5.47
CA SER B 73 -11.17 4.50 4.32
C SER B 73 -9.65 4.53 4.36
N THR B 74 -9.05 3.68 3.54
CA THR B 74 -7.61 3.63 3.34
C THR B 74 -7.33 3.47 1.86
N THR B 75 -6.30 4.14 1.35
CA THR B 75 -5.84 3.93 -0.02
C THR B 75 -4.41 3.43 -0.04
N VAL B 76 -4.12 2.50 -0.93
CA VAL B 76 -2.75 2.13 -1.23
C VAL B 76 -2.43 2.49 -2.67
N PHE B 77 -1.20 2.97 -2.89
CA PHE B 77 -0.65 3.27 -4.19
C PHE B 77 0.57 2.41 -4.44
N THR B 78 0.75 1.90 -5.65
CA THR B 78 2.01 1.31 -6.04
C THR B 78 2.37 1.80 -7.43
N GLY B 79 3.66 1.85 -7.73
CA GLY B 79 4.08 2.33 -9.02
C GLY B 79 5.58 2.34 -9.16
N GLN B 80 6.03 3.06 -10.16
CA GLN B 80 7.44 3.15 -10.49
C GLN B 80 7.77 4.61 -10.82
N CYS B 81 8.97 5.01 -10.41
CA CYS B 81 9.51 6.33 -10.72
C CYS B 81 10.35 6.24 -11.97
N PHE B 82 9.93 6.93 -13.04
CA PHE B 82 10.67 6.98 -14.28
C PHE B 82 11.35 8.35 -14.45
N ILE B 83 12.57 8.34 -15.00
CA ILE B 83 13.29 9.56 -15.39
C ILE B 83 13.57 9.53 -16.89
N ASP B 84 13.19 10.59 -17.59
CA ASP B 84 13.44 10.68 -19.03
C ASP B 84 14.84 11.25 -19.33
N ARG B 85 15.12 11.48 -20.62
CA ARG B 85 16.44 11.93 -21.08
C ARG B 85 16.90 13.26 -20.45
N ASN B 86 15.95 14.11 -20.12
CA ASN B 86 16.21 15.45 -19.57
C ASN B 86 16.19 15.54 -18.03
N GLY B 87 16.02 14.42 -17.35
CA GLY B 87 15.98 14.40 -15.89
C GLY B 87 14.61 14.66 -15.29
N LYS B 88 13.57 14.69 -16.12
CA LYS B 88 12.20 14.88 -15.64
C LYS B 88 11.64 13.57 -15.11
N GLU B 89 11.06 13.63 -13.92
CA GLU B 89 10.50 12.47 -13.24
C GLU B 89 8.99 12.40 -13.36
N VAL B 90 8.49 11.16 -13.43
CA VAL B 90 7.07 10.90 -13.34
C VAL B 90 6.90 9.66 -12.47
N LEU B 91 5.97 9.72 -11.53
CA LEU B 91 5.51 8.52 -10.85
C LEU B 91 4.27 8.00 -11.58
N LYS B 92 4.37 6.80 -12.12
CA LYS B 92 3.23 6.11 -12.71
C LYS B 92 2.69 5.19 -11.64
N THR B 93 1.45 5.42 -11.21
CA THR B 93 0.84 4.65 -10.13
C THR B 93 -0.53 4.09 -10.46
N MET B 94 -0.85 3.03 -9.75
CA MET B 94 -2.21 2.50 -9.65
C MET B 94 -2.55 2.45 -8.16
N TRP B 95 -3.84 2.55 -7.83
CA TRP B 95 -4.28 2.58 -6.46
C TRP B 95 -5.52 1.73 -6.23
N LEU B 96 -5.66 1.31 -4.97
CA LEU B 96 -6.88 0.71 -4.45
C LEU B 96 -7.35 1.53 -3.27
N LEU B 97 -8.64 1.88 -3.28
CA LEU B 97 -9.28 2.67 -2.25
C LEU B 97 -10.27 1.74 -1.55
N ARG B 98 -9.99 1.42 -0.29
CA ARG B 98 -10.80 0.55 0.53
C ARG B 98 -11.73 1.34 1.43
N SER B 99 -13.02 1.11 1.27
CA SER B 99 -14.02 1.67 2.16
C SER B 99 -14.32 0.69 3.28
N SER B 100 -14.82 1.24 4.38
CA SER B 100 -15.32 0.44 5.50
C SER B 100 -16.74 0.00 5.22
N VAL B 101 -17.00 -1.29 5.31
CA VAL B 101 -18.36 -1.82 5.21
C VAL B 101 -18.73 -2.54 6.51
N ASN B 102 -20.01 -2.84 6.67
CA ASN B 102 -20.53 -3.29 7.96
C ASN B 102 -20.10 -4.68 8.35
N ASP B 103 -20.04 -5.58 7.39
CA ASP B 103 -19.61 -6.94 7.66
C ASP B 103 -19.19 -7.58 6.35
N ILE B 104 -18.75 -8.82 6.41
CA ILE B 104 -18.11 -9.49 5.30
C ILE B 104 -19.04 -9.68 4.11
N SER B 105 -20.35 -9.69 4.35
CA SER B 105 -21.33 -9.85 3.26
C SER B 105 -21.37 -8.64 2.33
N TYR B 106 -20.78 -7.53 2.75
CA TYR B 106 -20.67 -6.34 1.91
C TYR B 106 -19.27 -6.17 1.32
N ASP B 107 -18.37 -7.10 1.60
CA ASP B 107 -16.98 -6.92 1.20
C ASP B 107 -16.82 -6.72 -0.31
N TRP B 108 -17.68 -7.35 -1.09
CA TRP B 108 -17.60 -7.30 -2.55
C TRP B 108 -17.55 -5.88 -3.09
N LYS B 109 -18.22 -4.94 -2.42
CA LYS B 109 -18.36 -3.59 -2.93
C LYS B 109 -17.36 -2.58 -2.38
N ALA B 110 -16.39 -3.06 -1.61
CA ALA B 110 -15.58 -2.18 -0.78
C ALA B 110 -14.31 -1.64 -1.40
N THR B 111 -13.96 -2.05 -2.61
CA THR B 111 -12.67 -1.68 -3.20
C THR B 111 -12.80 -1.01 -4.57
N ARG B 112 -12.39 0.26 -4.62
CA ARG B 112 -12.28 1.00 -5.85
C ARG B 112 -10.85 0.95 -6.36
N VAL B 113 -10.69 1.07 -7.68
CA VAL B 113 -9.39 1.02 -8.34
C VAL B 113 -9.26 2.22 -9.28
N GLY B 114 -8.03 2.69 -9.46
CA GLY B 114 -7.75 3.76 -10.38
C GLY B 114 -6.27 3.94 -10.62
N TYR B 115 -5.95 4.99 -11.34
CA TYR B 115 -4.57 5.34 -11.69
C TYR B 115 -4.28 6.76 -11.29
N ASN B 116 -3.00 7.10 -11.18
CA ASN B 116 -2.59 8.49 -11.08
C ASN B 116 -1.17 8.63 -11.58
N ASN B 117 -0.90 9.72 -12.28
CA ASN B 117 0.44 10.10 -12.69
C ASN B 117 0.84 11.32 -11.89
N PHE B 118 1.98 11.26 -11.23
CA PHE B 118 2.48 12.36 -10.42
C PHE B 118 3.70 12.99 -11.09
N THR B 119 3.76 14.32 -11.05
CA THR B 119 4.95 15.07 -11.44
C THR B 119 5.37 15.98 -10.29
N ARG B 120 6.64 16.36 -10.31
CA ARG B 120 7.26 17.11 -9.22
C ARG B 120 6.83 18.58 -9.28
N LEU B 121 6.41 19.11 -8.14
CA LEU B 121 6.12 20.55 -8.01
C LEU B 121 7.43 21.30 -7.85
N SER B 122 7.66 22.26 -8.74
CA SER B 122 8.93 23.00 -8.86
C SER B 122 10.08 22.05 -9.24
C FMT C . 1.29 -10.52 -4.76
O1 FMT C . 0.55 -10.88 -3.82
O2 FMT C . 2.46 -10.06 -4.60
C FMT D . 7.66 -11.06 -6.30
O1 FMT D . 8.72 -10.73 -6.86
O2 FMT D . 6.83 -11.83 -6.81
C FMT E . -8.40 6.41 13.31
O1 FMT E . -9.17 6.03 14.18
O2 FMT E . -7.70 5.62 12.67
C FMT F . -7.97 7.34 -4.05
O1 FMT F . -8.12 7.33 -2.80
O2 FMT F . -7.06 7.93 -4.64
C FMT G . -11.61 9.17 1.18
O1 FMT G . -12.35 9.04 2.16
O2 FMT G . -12.08 9.39 0.04
C FMT H . -23.13 -1.55 4.46
O1 FMT H . -22.21 -1.11 5.17
O2 FMT H . -23.52 -0.88 3.50
#